data_2I6D
#
_entry.id   2I6D
#
_cell.length_a   41.921
_cell.length_b   107.119
_cell.length_c   120.352
_cell.angle_alpha   90.00
_cell.angle_beta   90.00
_cell.angle_gamma   90.00
#
_symmetry.space_group_name_H-M   'C 2 2 21'
#
loop_
_entity.id
_entity.type
_entity.pdbx_description
1 polymer 'RNA methyltransferase, TrmH family'
2 non-polymer 'ACETIC ACID'
3 water water
#
_entity_poly.entity_id   1
_entity_poly.type   'polypeptide(L)'
_entity_poly.pdbx_seq_one_letter_code
;SNA(MSE)LSANQIKFLRSLRERKYRLREQAFAVEGPKLVGE(MSE)LPFYRCR(MSE)LVGTAA(MSE)LRAVSTPHDA
EVVELPESFDFKRISTQTTPQPL(MSE)AVFDLPAEPEPVVEGLTLLLDGVQDPGNVGTILRTADWFGIRHVWLGTGSAD
VFSPKVVQAS(MSE)GALARVQPTPLKNTVDTLAYFRRQGIPVYGAFLDGQSLYEAPLPNFTEPAILVLGSEGRGISPEV
AAEITDRLTIPASGLSVKGHTESLNVAIATAILCSEWRRRS
;
_entity_poly.pdbx_strand_id   A
#
loop_
_chem_comp.id
_chem_comp.type
_chem_comp.name
_chem_comp.formula
ACY non-polymer 'ACETIC ACID' 'C2 H4 O2'
#
# COMPACT_ATOMS: atom_id res chain seq x y z
N ALA A 3 21.42 13.64 21.96
CA ALA A 3 21.23 15.10 22.24
C ALA A 3 21.39 15.97 20.99
N MSE A 4 22.20 15.51 20.02
CA MSE A 4 22.32 16.16 18.71
C MSE A 4 22.46 15.08 17.64
O MSE A 4 23.22 14.14 17.82
CB MSE A 4 23.54 17.11 18.65
CG MSE A 4 23.53 18.32 19.62
SE MSE A 4 25.10 19.51 19.47
CE MSE A 4 25.07 20.39 21.24
N LEU A 5 21.70 15.19 16.56
CA LEU A 5 21.95 14.40 15.35
C LEU A 5 23.19 14.89 14.64
N SER A 6 24.02 13.96 14.16
CA SER A 6 25.21 14.35 13.40
C SER A 6 24.78 14.83 12.01
N ALA A 7 25.69 15.49 11.31
CA ALA A 7 25.42 15.92 9.94
C ALA A 7 25.11 14.72 9.06
N ASN A 8 25.84 13.62 9.26
CA ASN A 8 25.59 12.40 8.51
C ASN A 8 24.19 11.84 8.74
N GLN A 9 23.74 11.86 10.00
CA GLN A 9 22.43 11.32 10.33
C GLN A 9 21.31 12.14 9.67
N ILE A 10 21.45 13.45 9.72
CA ILE A 10 20.50 14.36 9.08
C ILE A 10 20.46 14.12 7.56
N LYS A 11 21.63 14.03 6.94
CA LYS A 11 21.70 13.74 5.51
C LYS A 11 21.01 12.41 5.17
N PHE A 12 21.32 11.38 5.94
CA PHE A 12 20.68 10.08 5.77
C PHE A 12 19.16 10.15 5.88
N LEU A 13 18.66 10.71 6.99
CA LEU A 13 17.21 10.88 7.20
C LEU A 13 16.53 11.63 6.04
N ARG A 14 17.16 12.71 5.59
CA ARG A 14 16.57 13.54 4.50
C ARG A 14 16.55 12.81 3.16
N SER A 15 17.55 11.95 2.92
CA SER A 15 17.69 11.25 1.66
C SER A 15 16.52 10.29 1.41
N LEU A 16 15.86 9.85 2.48
CA LEU A 16 14.84 8.79 2.32
C LEU A 16 13.52 9.27 1.72
N ARG A 17 13.39 10.58 1.56
CA ARG A 17 12.28 11.11 0.80
C ARG A 17 12.40 10.84 -0.73
N GLU A 18 13.57 10.41 -1.17
CA GLU A 18 13.80 10.10 -2.59
C GLU A 18 13.85 8.58 -2.79
N ARG A 19 13.14 8.10 -3.81
CA ARG A 19 13.13 6.66 -4.11
C ARG A 19 14.54 6.10 -4.30
N LYS A 20 15.39 6.88 -4.96
CA LYS A 20 16.77 6.50 -5.23
C LYS A 20 17.47 6.04 -3.95
N TYR A 21 17.30 6.81 -2.88
CA TYR A 21 17.98 6.52 -1.63
C TYR A 21 17.28 5.46 -0.78
N ARG A 22 15.96 5.38 -0.87
CA ARG A 22 15.24 4.28 -0.22
C ARG A 22 15.75 2.97 -0.77
N LEU A 23 15.96 2.92 -2.09
CA LEU A 23 16.46 1.71 -2.76
C LEU A 23 17.90 1.41 -2.37
N ARG A 24 18.74 2.42 -2.37
CA ARG A 24 20.18 2.23 -2.10
C ARG A 24 20.38 1.78 -0.65
N GLU A 25 19.61 2.39 0.25
CA GLU A 25 19.70 2.11 1.67
C GLU A 25 18.80 0.98 2.12
N GLN A 26 17.93 0.51 1.22
CA GLN A 26 16.89 -0.46 1.56
C GLN A 26 16.21 -0.04 2.85
N ALA A 27 15.75 1.23 2.87
CA ALA A 27 15.16 1.81 4.06
C ALA A 27 14.05 2.82 3.71
N PHE A 28 13.16 3.08 4.66
CA PHE A 28 12.14 4.11 4.48
C PHE A 28 11.79 4.67 5.83
N ALA A 29 11.29 5.91 5.86
CA ALA A 29 10.95 6.55 7.11
C ALA A 29 9.44 6.61 7.33
N VAL A 30 9.08 6.68 8.59
CA VAL A 30 7.71 6.80 9.07
C VAL A 30 7.72 7.84 10.18
N GLU A 31 6.76 8.75 10.14
CA GLU A 31 6.69 9.84 11.10
C GLU A 31 5.45 9.81 12.00
N GLY A 32 5.69 10.13 13.27
CA GLY A 32 4.62 10.35 14.21
C GLY A 32 4.33 9.14 15.06
N PRO A 33 3.89 9.35 16.31
CA PRO A 33 3.68 8.23 17.23
C PRO A 33 2.67 7.19 16.77
N LYS A 34 1.61 7.61 16.07
CA LYS A 34 0.53 6.67 15.74
C LYS A 34 1.06 5.63 14.74
N LEU A 35 1.68 6.11 13.68
CA LEU A 35 2.17 5.23 12.65
C LEU A 35 3.39 4.46 13.11
N VAL A 36 4.30 5.12 13.83
CA VAL A 36 5.52 4.44 14.27
C VAL A 36 5.14 3.31 15.25
N GLY A 37 4.28 3.62 16.22
CA GLY A 37 3.81 2.64 17.20
C GLY A 37 3.17 1.43 16.54
N GLU A 38 2.30 1.67 15.58
CA GLU A 38 1.67 0.54 14.93
C GLU A 38 2.57 -0.31 14.06
N MSE A 39 3.58 0.30 13.45
N MSE A 39 3.57 0.34 13.44
CA MSE A 39 4.39 -0.44 12.48
CA MSE A 39 4.47 -0.31 12.48
C MSE A 39 5.67 -1.06 13.10
C MSE A 39 5.58 -1.12 13.15
O MSE A 39 6.27 -1.98 12.50
O MSE A 39 6.00 -2.17 12.66
CB MSE A 39 4.72 0.45 11.28
CB MSE A 39 5.12 0.74 11.58
CG MSE A 39 3.50 1.00 10.52
CG MSE A 39 4.15 1.59 10.78
SE MSE A 39 4.04 2.25 9.09
SE MSE A 39 3.83 0.96 8.98
CE MSE A 39 5.03 1.01 7.92
CE MSE A 39 5.64 0.91 8.28
N LEU A 40 6.07 -0.61 14.28
CA LEU A 40 7.24 -1.20 14.97
C LEU A 40 7.26 -2.73 15.07
N PRO A 41 6.13 -3.36 15.46
CA PRO A 41 6.15 -4.82 15.57
C PRO A 41 6.30 -5.56 14.25
N PHE A 42 6.20 -4.85 13.13
CA PHE A 42 6.12 -5.54 11.82
C PHE A 42 7.26 -5.23 10.84
N TYR A 43 8.12 -4.31 11.23
CA TYR A 43 9.21 -3.82 10.40
C TYR A 43 10.44 -3.74 11.25
N ARG A 44 11.59 -3.86 10.61
CA ARG A 44 12.85 -3.86 11.30
C ARG A 44 13.30 -2.42 11.45
N CYS A 45 13.33 -1.92 12.67
CA CYS A 45 13.70 -0.54 12.92
C CYS A 45 15.24 -0.37 13.03
N ARG A 46 15.78 0.53 12.22
CA ARG A 46 17.21 0.85 12.09
CA ARG A 46 17.23 0.80 12.22
C ARG A 46 17.57 2.06 12.98
N MSE A 47 16.64 3.01 13.04
CA MSE A 47 16.86 4.27 13.70
C MSE A 47 15.54 4.84 14.21
O MSE A 47 14.52 4.70 13.54
CB MSE A 47 17.52 5.25 12.73
CG MSE A 47 17.57 6.68 13.20
SE MSE A 47 18.79 7.78 12.09
CE MSE A 47 20.40 7.54 13.14
N LEU A 48 15.57 5.44 15.40
CA LEU A 48 14.38 6.04 16.00
C LEU A 48 14.82 7.34 16.65
N VAL A 49 14.23 8.44 16.22
CA VAL A 49 14.66 9.78 16.63
C VAL A 49 13.41 10.48 17.15
N GLY A 50 13.47 11.01 18.36
CA GLY A 50 12.30 11.68 18.89
C GLY A 50 12.60 12.41 20.18
N THR A 51 11.62 13.16 20.66
CA THR A 51 11.73 13.78 21.97
C THR A 51 11.51 12.70 23.02
N ALA A 52 12.03 12.94 24.23
CA ALA A 52 11.87 12.01 25.35
C ALA A 52 10.42 11.54 25.54
N ALA A 53 9.47 12.47 25.44
CA ALA A 53 8.05 12.15 25.67
C ALA A 53 7.53 11.17 24.60
N MSE A 54 8.04 11.30 23.39
CA MSE A 54 7.69 10.38 22.31
C MSE A 54 8.36 9.02 22.47
O MSE A 54 7.72 7.98 22.30
CB MSE A 54 8.01 10.98 20.94
CG MSE A 54 7.18 12.23 20.63
SE MSE A 54 5.27 11.82 20.50
CE MSE A 54 4.70 12.36 22.30
N LEU A 55 9.64 9.01 22.83
CA LEU A 55 10.37 7.75 22.94
C LEU A 55 9.89 6.86 24.10
N ARG A 56 9.48 7.48 25.19
CA ARG A 56 9.03 6.71 26.34
C ARG A 56 7.77 5.89 26.04
N ALA A 57 6.98 6.37 25.07
CA ALA A 57 5.68 5.77 24.77
C ALA A 57 5.79 4.55 23.84
N VAL A 58 6.96 4.34 23.24
CA VAL A 58 7.13 3.16 22.38
C VAL A 58 8.17 2.23 23.00
N SER A 59 7.98 0.91 22.83
CA SER A 59 9.01 -0.01 23.32
C SER A 59 10.22 0.14 22.45
N THR A 60 11.35 0.40 23.10
CA THR A 60 12.61 0.64 22.43
C THR A 60 12.87 -0.51 21.47
N PRO A 61 13.13 -0.19 20.19
CA PRO A 61 13.40 -1.23 19.20
C PRO A 61 14.69 -1.96 19.52
N HIS A 62 14.70 -3.27 19.31
CA HIS A 62 15.92 -4.02 19.53
CA HIS A 62 15.88 -4.11 19.48
C HIS A 62 16.94 -3.69 18.44
N ASP A 63 18.14 -3.32 18.89
CA ASP A 63 19.24 -3.04 17.98
C ASP A 63 19.01 -1.89 16.99
N ALA A 64 18.44 -0.79 17.47
CA ALA A 64 18.30 0.39 16.65
C ALA A 64 19.14 1.52 17.22
N GLU A 65 19.55 2.45 16.37
CA GLU A 65 20.09 3.70 16.85
C GLU A 65 18.95 4.63 17.29
N VAL A 66 18.90 4.92 18.59
CA VAL A 66 17.86 5.73 19.18
C VAL A 66 18.46 7.06 19.63
N VAL A 67 17.90 8.16 19.13
CA VAL A 67 18.45 9.49 19.45
C VAL A 67 17.36 10.26 20.12
N GLU A 68 17.58 10.66 21.38
CA GLU A 68 16.60 11.50 22.06
C GLU A 68 16.97 12.95 21.77
N LEU A 69 16.01 13.70 21.24
CA LEU A 69 16.22 15.08 20.86
C LEU A 69 15.53 16.06 21.81
N PRO A 70 16.10 17.26 22.00
CA PRO A 70 15.44 18.18 22.92
C PRO A 70 14.15 18.70 22.32
N GLU A 71 13.27 19.18 23.18
CA GLU A 71 12.03 19.86 22.80
C GLU A 71 12.29 20.98 21.77
N SER A 72 13.44 21.64 21.90
CA SER A 72 13.81 22.73 20.98
C SER A 72 14.20 22.31 19.56
N PHE A 73 14.54 21.04 19.36
CA PHE A 73 14.95 20.57 18.03
C PHE A 73 13.82 20.81 17.03
N ASP A 74 14.17 21.35 15.86
CA ASP A 74 13.20 21.64 14.84
C ASP A 74 13.06 20.48 13.86
N PHE A 75 11.98 19.72 14.00
CA PHE A 75 11.78 18.55 13.12
C PHE A 75 11.66 18.86 11.63
N LYS A 76 11.37 20.11 11.28
CA LYS A 76 11.41 20.50 9.86
C LYS A 76 12.81 20.29 9.26
N ARG A 77 13.82 20.14 10.12
CA ARG A 77 15.17 19.88 9.63
C ARG A 77 15.27 18.52 8.95
N ILE A 78 14.39 17.60 9.35
CA ILE A 78 14.44 16.21 8.88
C ILE A 78 13.11 15.68 8.28
N SER A 79 11.99 16.31 8.63
CA SER A 79 10.68 15.82 8.19
C SER A 79 10.27 16.22 6.78
N THR A 80 9.34 15.45 6.22
CA THR A 80 8.76 15.73 4.92
C THR A 80 7.40 16.38 5.10
N GLN A 81 6.98 16.59 6.34
CA GLN A 81 5.60 16.97 6.62
C GLN A 81 5.48 18.45 6.88
N THR A 82 4.37 19.05 6.47
CA THR A 82 4.20 20.49 6.67
C THR A 82 4.19 20.87 8.16
N THR A 83 3.59 20.01 8.99
CA THR A 83 3.61 20.20 10.45
C THR A 83 4.17 18.96 11.15
N PRO A 84 5.52 18.87 11.25
CA PRO A 84 6.10 17.63 11.73
C PRO A 84 5.71 17.26 13.16
N GLN A 85 5.60 15.95 13.39
CA GLN A 85 5.43 15.36 14.71
C GLN A 85 6.80 14.91 15.21
N PRO A 86 7.05 15.00 16.52
CA PRO A 86 8.40 14.79 17.06
C PRO A 86 8.88 13.34 17.23
N LEU A 87 8.67 12.50 16.20
CA LEU A 87 9.13 11.13 16.22
C LEU A 87 9.27 10.68 14.75
N MSE A 88 10.45 10.17 14.40
CA MSE A 88 10.68 9.69 13.06
C MSE A 88 11.45 8.39 13.19
O MSE A 88 12.46 8.34 13.90
CB MSE A 88 11.47 10.74 12.25
CG MSE A 88 11.62 10.42 10.76
SE MSE A 88 12.30 12.02 9.80
CE MSE A 88 12.26 11.29 7.96
N ALA A 89 10.93 7.34 12.56
CA ALA A 89 11.58 6.02 12.57
C ALA A 89 12.13 5.71 11.20
N VAL A 90 13.23 4.96 11.13
CA VAL A 90 13.69 4.44 9.87
C VAL A 90 13.57 2.92 9.98
N PHE A 91 12.86 2.32 9.02
CA PHE A 91 12.67 0.87 8.96
C PHE A 91 13.33 0.33 7.72
N ASP A 92 13.74 -0.95 7.78
CA ASP A 92 14.17 -1.67 6.62
C ASP A 92 13.02 -1.84 5.64
N LEU A 93 13.30 -1.60 4.37
CA LEU A 93 12.41 -1.96 3.29
C LEU A 93 12.32 -3.49 3.30
N PRO A 94 11.10 -4.05 3.31
CA PRO A 94 10.91 -5.50 3.33
C PRO A 94 11.66 -6.13 2.18
N ALA A 95 12.28 -7.27 2.45
CA ALA A 95 13.09 -7.93 1.45
C ALA A 95 12.14 -8.33 0.35
N GLU A 96 12.06 -7.49 -0.70
CA GLU A 96 11.04 -7.57 -1.75
C GLU A 96 10.53 -8.98 -2.08
N PRO A 97 9.26 -9.24 -1.74
CA PRO A 97 8.79 -10.61 -1.73
C PRO A 97 8.26 -11.12 -3.08
N GLU A 98 8.32 -12.43 -3.26
CA GLU A 98 7.50 -13.10 -4.25
C GLU A 98 6.06 -12.66 -3.98
N PRO A 99 5.27 -12.38 -5.04
CA PRO A 99 3.86 -12.13 -4.76
C PRO A 99 3.18 -13.40 -4.25
N VAL A 100 2.31 -13.21 -3.26
CA VAL A 100 1.63 -14.28 -2.59
C VAL A 100 0.12 -14.00 -2.73
N VAL A 101 -0.66 -15.05 -3.01
CA VAL A 101 -2.14 -14.95 -2.97
C VAL A 101 -2.63 -15.62 -1.68
N GLU A 102 -3.24 -14.86 -0.76
CA GLU A 102 -3.85 -15.49 0.42
C GLU A 102 -5.17 -14.77 0.55
N GLY A 103 -6.26 -15.44 0.16
CA GLY A 103 -7.55 -14.81 0.03
C GLY A 103 -7.59 -13.79 -1.12
N LEU A 104 -8.61 -12.94 -1.08
CA LEU A 104 -8.77 -11.91 -2.07
C LEU A 104 -7.53 -11.01 -2.03
N THR A 105 -6.93 -10.84 -3.21
CA THR A 105 -5.67 -10.16 -3.38
C THR A 105 -5.86 -9.09 -4.44
N LEU A 106 -5.50 -7.84 -4.11
CA LEU A 106 -5.65 -6.73 -5.04
C LEU A 106 -4.40 -6.57 -5.87
N LEU A 107 -4.61 -6.27 -7.15
N LEU A 107 -4.59 -6.25 -7.16
CA LEU A 107 -3.52 -5.84 -7.99
CA LEU A 107 -3.48 -5.87 -8.02
C LEU A 107 -3.86 -4.46 -8.54
C LEU A 107 -3.76 -4.51 -8.68
N LEU A 108 -2.97 -3.52 -8.30
CA LEU A 108 -3.16 -2.16 -8.79
C LEU A 108 -2.31 -2.01 -10.05
N ASP A 109 -2.97 -1.93 -11.20
CA ASP A 109 -2.27 -1.82 -12.51
C ASP A 109 -2.16 -0.36 -12.92
N GLY A 110 -1.02 0.29 -12.68
CA GLY A 110 -0.81 1.68 -13.10
C GLY A 110 -1.66 2.70 -12.35
N VAL A 111 -1.87 2.43 -11.06
CA VAL A 111 -2.60 3.35 -10.18
C VAL A 111 -1.53 4.30 -9.62
N GLN A 112 -1.35 5.41 -10.34
CA GLN A 112 -0.21 6.30 -10.10
C GLN A 112 -0.41 7.24 -8.94
N ASP A 113 -1.66 7.58 -8.65
CA ASP A 113 -1.91 8.62 -7.67
C ASP A 113 -1.66 8.13 -6.25
N PRO A 114 -0.74 8.79 -5.53
CA PRO A 114 -0.45 8.45 -4.13
C PRO A 114 -1.67 8.49 -3.23
N GLY A 115 -2.53 9.49 -3.41
CA GLY A 115 -3.80 9.58 -2.66
C GLY A 115 -4.65 8.35 -2.84
N ASN A 116 -4.88 7.95 -4.10
CA ASN A 116 -5.68 6.77 -4.40
C ASN A 116 -5.06 5.50 -3.79
N VAL A 117 -3.72 5.37 -3.86
CA VAL A 117 -3.09 4.15 -3.35
C VAL A 117 -3.25 4.06 -1.83
N GLY A 118 -3.05 5.19 -1.15
CA GLY A 118 -3.26 5.25 0.30
C GLY A 118 -4.68 4.89 0.69
N THR A 119 -5.64 5.46 -0.01
CA THR A 119 -7.05 5.16 0.26
C THR A 119 -7.32 3.66 0.07
N ILE A 120 -6.78 3.10 -1.00
CA ILE A 120 -6.93 1.66 -1.30
C ILE A 120 -6.32 0.82 -0.19
N LEU A 121 -5.12 1.18 0.26
CA LEU A 121 -4.50 0.48 1.38
C LEU A 121 -5.40 0.48 2.64
N ARG A 122 -6.00 1.63 2.96
CA ARG A 122 -6.89 1.73 4.11
C ARG A 122 -8.13 0.87 3.93
N THR A 123 -8.68 0.86 2.72
CA THR A 123 -9.82 0.01 2.40
C THR A 123 -9.47 -1.47 2.53
N ALA A 124 -8.32 -1.87 1.98
CA ALA A 124 -7.82 -3.25 2.09
C ALA A 124 -7.69 -3.63 3.58
N ASP A 125 -7.14 -2.75 4.40
CA ASP A 125 -7.02 -3.03 5.81
C ASP A 125 -8.38 -3.16 6.47
N TRP A 126 -9.29 -2.23 6.19
CA TRP A 126 -10.64 -2.24 6.78
C TRP A 126 -11.33 -3.61 6.55
N PHE A 127 -11.24 -4.12 5.32
CA PHE A 127 -11.95 -5.36 4.94
C PHE A 127 -11.14 -6.65 5.13
N GLY A 128 -9.89 -6.49 5.53
CA GLY A 128 -9.04 -7.63 5.92
C GLY A 128 -8.33 -8.27 4.73
N ILE A 129 -8.13 -7.50 3.65
CA ILE A 129 -7.28 -7.93 2.54
C ILE A 129 -5.83 -8.11 3.03
N ARG A 130 -5.22 -9.24 2.77
CA ARG A 130 -3.87 -9.48 3.29
C ARG A 130 -2.74 -9.10 2.38
N HIS A 131 -3.04 -8.97 1.08
CA HIS A 131 -1.98 -8.72 0.10
C HIS A 131 -2.44 -7.77 -0.95
N VAL A 132 -1.58 -6.80 -1.24
CA VAL A 132 -1.86 -5.80 -2.30
C VAL A 132 -0.62 -5.77 -3.17
N TRP A 133 -0.80 -6.09 -4.44
CA TRP A 133 0.31 -6.08 -5.37
C TRP A 133 0.27 -4.81 -6.19
N LEU A 134 1.44 -4.33 -6.57
CA LEU A 134 1.53 -3.06 -7.29
C LEU A 134 2.21 -3.26 -8.64
N GLY A 135 1.45 -3.03 -9.70
CA GLY A 135 2.01 -3.26 -11.03
C GLY A 135 2.70 -2.04 -11.59
N THR A 136 3.02 -2.13 -12.89
CA THR A 136 3.73 -1.13 -13.65
C THR A 136 3.16 0.26 -13.45
N GLY A 137 3.98 1.18 -12.94
CA GLY A 137 3.60 2.57 -12.90
C GLY A 137 2.75 2.96 -11.69
N SER A 138 2.47 2.03 -10.81
CA SER A 138 1.74 2.36 -9.56
C SER A 138 2.60 3.14 -8.56
N ALA A 139 1.96 3.92 -7.70
CA ALA A 139 2.67 4.73 -6.70
C ALA A 139 3.52 3.88 -5.78
N ASP A 140 4.59 4.44 -5.26
CA ASP A 140 5.49 3.73 -4.33
C ASP A 140 4.84 3.73 -2.93
N VAL A 141 4.46 2.57 -2.42
CA VAL A 141 3.76 2.48 -1.12
C VAL A 141 4.62 2.94 0.06
N PHE A 142 5.93 2.88 -0.11
CA PHE A 142 6.87 3.28 0.95
C PHE A 142 7.33 4.72 0.84
N SER A 143 6.79 5.45 -0.13
CA SER A 143 7.06 6.89 -0.26
C SER A 143 6.35 7.56 0.93
N PRO A 144 6.91 8.66 1.47
CA PRO A 144 6.29 9.40 2.56
C PRO A 144 4.82 9.74 2.31
N LYS A 145 4.49 10.11 1.07
CA LYS A 145 3.12 10.52 0.81
C LYS A 145 2.14 9.36 1.08
N VAL A 146 2.46 8.17 0.59
CA VAL A 146 1.60 7.01 0.87
C VAL A 146 1.65 6.58 2.32
N VAL A 147 2.86 6.43 2.87
CA VAL A 147 3.04 5.97 4.26
C VAL A 147 2.25 6.82 5.23
N GLN A 148 2.45 8.14 5.17
CA GLN A 148 1.82 9.04 6.11
C GLN A 148 0.29 9.06 6.00
N ALA A 149 -0.24 8.65 4.85
CA ALA A 149 -1.69 8.59 4.64
C ALA A 149 -2.25 7.18 4.82
N SER A 150 -1.41 6.26 5.31
CA SER A 150 -1.78 4.83 5.35
C SER A 150 -2.66 4.39 6.54
N MSE A 151 -2.77 5.22 7.57
N MSE A 151 -2.73 5.23 7.56
CA MSE A 151 -3.59 4.90 8.77
CA MSE A 151 -3.50 4.95 8.77
C MSE A 151 -3.19 3.58 9.44
C MSE A 151 -3.20 3.53 9.28
O MSE A 151 -4.03 2.91 10.04
O MSE A 151 -4.11 2.74 9.57
CB MSE A 151 -5.09 4.85 8.42
CB MSE A 151 -5.00 5.13 8.50
CG MSE A 151 -5.93 6.04 8.87
CG MSE A 151 -5.80 5.38 9.76
SE MSE A 151 -7.61 5.58 9.85
SE MSE A 151 -5.66 7.23 10.30
CE MSE A 151 -7.87 3.71 9.38
CE MSE A 151 -6.82 8.08 8.99
N GLY A 152 -1.91 3.22 9.33
CA GLY A 152 -1.42 1.98 9.92
C GLY A 152 -1.63 0.74 9.07
N ALA A 153 -2.11 0.93 7.84
CA ALA A 153 -2.48 -0.25 7.02
C ALA A 153 -1.28 -1.18 6.74
N LEU A 154 -0.08 -0.62 6.69
CA LEU A 154 1.11 -1.43 6.41
C LEU A 154 1.50 -2.36 7.55
N ALA A 155 0.87 -2.22 8.70
CA ALA A 155 1.03 -3.21 9.77
C ALA A 155 0.43 -4.55 9.40
N ARG A 156 -0.62 -4.56 8.57
CA ARG A 156 -1.35 -5.77 8.33
C ARG A 156 -1.51 -6.10 6.87
N VAL A 157 -1.28 -5.13 5.98
CA VAL A 157 -1.44 -5.35 4.54
C VAL A 157 -0.02 -5.39 3.95
N GLN A 158 0.34 -6.56 3.42
CA GLN A 158 1.65 -6.71 2.79
C GLN A 158 1.64 -6.23 1.35
N PRO A 159 2.46 -5.20 1.02
CA PRO A 159 2.44 -4.70 -0.34
C PRO A 159 3.56 -5.29 -1.19
N THR A 160 3.29 -5.61 -2.45
CA THR A 160 4.28 -6.32 -3.26
C THR A 160 4.43 -5.64 -4.61
N PRO A 161 5.52 -4.87 -4.78
CA PRO A 161 5.79 -4.36 -6.13
C PRO A 161 6.10 -5.53 -7.07
N LEU A 162 5.45 -5.60 -8.22
CA LEU A 162 5.65 -6.73 -9.12
C LEU A 162 6.74 -6.44 -10.14
N LYS A 163 7.50 -7.48 -10.48
CA LYS A 163 8.52 -7.41 -11.52
C LYS A 163 7.86 -7.44 -12.90
N ASN A 164 6.91 -8.36 -13.07
CA ASN A 164 6.29 -8.59 -14.37
C ASN A 164 4.86 -8.98 -14.09
N THR A 165 3.99 -7.98 -14.10
CA THR A 165 2.56 -8.15 -13.79
C THR A 165 1.92 -9.25 -14.63
N VAL A 166 2.14 -9.17 -15.94
CA VAL A 166 1.54 -10.10 -16.87
C VAL A 166 1.99 -11.52 -16.60
N ASP A 167 3.31 -11.71 -16.43
CA ASP A 167 3.90 -13.02 -16.14
C ASP A 167 3.31 -13.61 -14.85
N THR A 168 3.20 -12.77 -13.82
CA THR A 168 2.62 -13.15 -12.56
C THR A 168 1.15 -13.53 -12.68
N LEU A 169 0.36 -12.69 -13.37
CA LEU A 169 -1.03 -13.04 -13.60
C LEU A 169 -1.18 -14.34 -14.39
N ALA A 170 -0.39 -14.48 -15.44
CA ALA A 170 -0.45 -15.68 -16.27
C ALA A 170 -0.14 -16.91 -15.42
N TYR A 171 0.86 -16.78 -14.56
CA TYR A 171 1.30 -17.89 -13.73
C TYR A 171 0.21 -18.33 -12.74
N PHE A 172 -0.33 -17.38 -11.99
CA PHE A 172 -1.40 -17.70 -11.01
C PHE A 172 -2.67 -18.15 -11.70
N ARG A 173 -2.96 -17.54 -12.85
CA ARG A 173 -4.12 -17.93 -13.66
C ARG A 173 -4.03 -19.40 -14.12
N ARG A 174 -2.84 -19.82 -14.55
CA ARG A 174 -2.65 -21.19 -15.02
CA ARG A 174 -2.64 -21.19 -15.02
C ARG A 174 -2.68 -22.20 -13.85
N GLN A 175 -2.51 -21.72 -12.62
CA GLN A 175 -2.72 -22.58 -11.43
C GLN A 175 -4.19 -22.73 -11.01
N GLY A 176 -5.08 -22.00 -11.67
CA GLY A 176 -6.51 -22.11 -11.43
C GLY A 176 -7.00 -21.10 -10.40
N ILE A 177 -6.16 -20.12 -10.07
CA ILE A 177 -6.63 -18.93 -9.29
C ILE A 177 -7.37 -17.96 -10.21
N PRO A 178 -8.65 -17.66 -9.89
CA PRO A 178 -9.43 -16.77 -10.73
C PRO A 178 -8.87 -15.35 -10.69
N VAL A 179 -8.88 -14.71 -11.84
CA VAL A 179 -8.38 -13.37 -11.98
C VAL A 179 -9.52 -12.45 -12.43
N TYR A 180 -9.97 -11.64 -11.50
CA TYR A 180 -11.07 -10.72 -11.75
C TYR A 180 -10.49 -9.36 -12.10
N GLY A 181 -11.24 -8.59 -12.89
CA GLY A 181 -10.84 -7.23 -13.26
C GLY A 181 -12.03 -6.30 -13.27
N ALA A 182 -11.80 -5.06 -12.88
CA ALA A 182 -12.85 -4.04 -12.86
C ALA A 182 -12.84 -3.27 -14.19
N PHE A 183 -13.95 -3.35 -14.92
CA PHE A 183 -14.05 -2.75 -16.25
C PHE A 183 -15.34 -1.99 -16.37
N LEU A 184 -15.43 -1.13 -17.37
CA LEU A 184 -16.67 -0.39 -17.61
C LEU A 184 -17.71 -1.24 -18.31
N ASP A 185 -17.23 -2.29 -18.96
CA ASP A 185 -18.07 -3.30 -19.63
CA ASP A 185 -18.09 -3.27 -19.59
C ASP A 185 -17.69 -4.65 -19.05
N GLY A 186 -18.69 -5.39 -18.55
CA GLY A 186 -18.42 -6.69 -17.96
C GLY A 186 -19.65 -7.18 -17.24
N GLN A 187 -19.52 -8.26 -16.48
CA GLN A 187 -20.64 -8.77 -15.69
C GLN A 187 -20.90 -7.90 -14.46
N SER A 188 -22.16 -7.56 -14.18
CA SER A 188 -22.48 -6.85 -12.94
C SER A 188 -21.88 -7.59 -11.76
N LEU A 189 -21.16 -6.88 -10.89
N LEU A 189 -21.13 -6.87 -10.95
CA LEU A 189 -20.57 -7.48 -9.68
CA LEU A 189 -20.62 -7.33 -9.69
C LEU A 189 -21.63 -8.07 -8.74
C LEU A 189 -21.67 -8.16 -8.93
N TYR A 190 -22.86 -7.59 -8.84
CA TYR A 190 -23.96 -8.15 -8.04
C TYR A 190 -24.46 -9.48 -8.56
N GLU A 191 -24.21 -9.78 -9.83
CA GLU A 191 -24.66 -11.02 -10.46
C GLU A 191 -23.57 -12.09 -10.53
N ALA A 192 -22.30 -11.69 -10.37
CA ALA A 192 -21.21 -12.62 -10.50
C ALA A 192 -21.16 -13.48 -9.24
N PRO A 193 -21.03 -14.81 -9.38
CA PRO A 193 -20.82 -15.56 -8.14
C PRO A 193 -19.37 -15.33 -7.75
N LEU A 194 -19.12 -15.01 -6.51
CA LEU A 194 -17.76 -14.72 -6.09
C LEU A 194 -17.29 -15.77 -5.08
N PRO A 195 -15.96 -15.98 -5.00
CA PRO A 195 -15.47 -16.86 -3.94
C PRO A 195 -15.54 -16.15 -2.61
N ASN A 196 -15.51 -16.91 -1.51
CA ASN A 196 -15.43 -16.29 -0.18
C ASN A 196 -14.16 -15.46 -0.09
N PHE A 197 -14.18 -14.45 0.76
CA PHE A 197 -13.02 -13.59 0.99
C PHE A 197 -11.73 -14.35 1.31
N THR A 198 -11.85 -15.49 2.00
CA THR A 198 -10.67 -16.28 2.38
C THR A 198 -10.14 -17.17 1.28
N GLU A 199 -10.88 -17.29 0.18
CA GLU A 199 -10.44 -18.14 -0.93
C GLU A 199 -9.52 -17.36 -1.86
N PRO A 200 -8.58 -18.05 -2.52
CA PRO A 200 -7.65 -17.36 -3.41
C PRO A 200 -8.33 -16.72 -4.61
N ALA A 201 -8.07 -15.44 -4.83
CA ALA A 201 -8.60 -14.75 -6.02
C ALA A 201 -7.78 -13.50 -6.17
N ILE A 202 -7.59 -13.08 -7.40
CA ILE A 202 -6.89 -11.82 -7.66
C ILE A 202 -7.91 -10.87 -8.28
N LEU A 203 -7.88 -9.60 -7.83
CA LEU A 203 -8.77 -8.58 -8.35
C LEU A 203 -7.91 -7.43 -8.86
N VAL A 204 -8.00 -7.20 -10.16
CA VAL A 204 -7.16 -6.21 -10.81
C VAL A 204 -7.92 -4.88 -10.93
N LEU A 205 -7.25 -3.81 -10.52
CA LEU A 205 -7.82 -2.46 -10.58
C LEU A 205 -6.87 -1.57 -11.39
N GLY A 206 -7.39 -0.86 -12.39
CA GLY A 206 -6.56 0.10 -13.15
C GLY A 206 -6.88 1.55 -12.81
N SER A 207 -6.13 2.50 -13.35
CA SER A 207 -6.50 3.90 -13.13
C SER A 207 -7.79 4.23 -13.86
N GLU A 208 -8.60 5.11 -13.28
CA GLU A 208 -9.78 5.67 -13.95
C GLU A 208 -9.42 6.40 -15.25
N GLY A 209 -8.22 6.98 -15.30
CA GLY A 209 -7.71 7.63 -16.51
C GLY A 209 -7.49 6.74 -17.73
N ARG A 210 -6.91 5.55 -17.54
CA ARG A 210 -6.65 4.63 -18.67
CA ARG A 210 -6.66 4.64 -18.67
C ARG A 210 -7.27 3.24 -18.49
N GLY A 211 -7.62 2.89 -17.27
CA GLY A 211 -8.17 1.57 -16.98
C GLY A 211 -7.09 0.51 -17.07
N ILE A 212 -7.51 -0.74 -17.04
CA ILE A 212 -6.58 -1.87 -17.10
C ILE A 212 -5.95 -1.90 -18.48
N SER A 213 -4.63 -2.06 -18.56
CA SER A 213 -3.95 -2.06 -19.85
C SER A 213 -4.37 -3.29 -20.67
N PRO A 214 -4.33 -3.19 -22.00
CA PRO A 214 -4.72 -4.32 -22.84
C PRO A 214 -3.97 -5.64 -22.51
N GLU A 215 -2.67 -5.56 -22.22
CA GLU A 215 -1.88 -6.79 -21.99
CA GLU A 215 -1.87 -6.76 -21.98
C GLU A 215 -2.27 -7.45 -20.69
N VAL A 216 -2.60 -6.65 -19.68
CA VAL A 216 -3.11 -7.16 -18.41
C VAL A 216 -4.54 -7.68 -18.56
N ALA A 217 -5.37 -6.95 -19.30
CA ALA A 217 -6.77 -7.35 -19.53
C ALA A 217 -6.81 -8.74 -20.19
N ALA A 218 -5.83 -9.04 -21.05
CA ALA A 218 -5.78 -10.36 -21.69
C ALA A 218 -5.61 -11.53 -20.70
N GLU A 219 -5.12 -11.25 -19.49
CA GLU A 219 -4.94 -12.29 -18.49
C GLU A 219 -6.11 -12.44 -17.53
N ILE A 220 -7.13 -11.60 -17.69
CA ILE A 220 -8.28 -11.56 -16.79
C ILE A 220 -9.25 -12.69 -17.15
N THR A 221 -9.70 -13.44 -16.15
CA THR A 221 -10.63 -14.55 -16.44
C THR A 221 -12.09 -14.11 -16.34
N ASP A 222 -12.35 -13.10 -15.53
CA ASP A 222 -13.72 -12.70 -15.17
C ASP A 222 -13.79 -11.18 -15.07
N ARG A 223 -14.46 -10.55 -16.04
CA ARG A 223 -14.64 -9.09 -16.01
C ARG A 223 -15.84 -8.70 -15.17
N LEU A 224 -15.63 -7.76 -14.25
CA LEU A 224 -16.68 -7.24 -13.38
C LEU A 224 -16.92 -5.76 -13.65
N THR A 225 -18.18 -5.35 -13.50
CA THR A 225 -18.53 -3.95 -13.65
C THR A 225 -19.40 -3.54 -12.47
N ILE A 226 -19.29 -2.29 -12.05
CA ILE A 226 -20.22 -1.70 -11.11
C ILE A 226 -21.22 -0.90 -11.93
N PRO A 227 -22.47 -1.34 -11.98
CA PRO A 227 -23.45 -0.73 -12.86
C PRO A 227 -23.76 0.73 -12.46
N ALA A 228 -23.87 1.59 -13.47
CA ALA A 228 -24.37 2.95 -13.25
C ALA A 228 -25.87 2.95 -13.39
N SER A 229 -26.53 3.85 -12.66
CA SER A 229 -27.98 3.92 -12.71
C SER A 229 -28.47 5.33 -12.51
N GLY A 230 -27.77 6.30 -13.10
CA GLY A 230 -28.13 7.71 -13.01
C GLY A 230 -29.26 8.11 -13.94
N LEU A 231 -29.55 9.40 -13.95
CA LEU A 231 -30.66 9.98 -14.74
C LEU A 231 -30.32 10.16 -16.23
N SER A 232 -29.12 9.79 -16.63
CA SER A 232 -28.72 9.77 -18.04
C SER A 232 -28.10 8.41 -18.36
N VAL A 233 -28.67 7.74 -19.38
CA VAL A 233 -28.17 6.44 -19.84
C VAL A 233 -27.00 6.61 -20.78
N GLU A 238 -18.94 7.63 -17.54
CA GLU A 238 -17.51 7.35 -17.70
C GLU A 238 -17.03 6.31 -16.70
N SER A 239 -16.26 6.73 -15.70
CA SER A 239 -15.72 5.77 -14.74
C SER A 239 -15.77 6.28 -13.31
N LEU A 240 -15.82 5.37 -12.35
CA LEU A 240 -15.71 5.73 -10.94
C LEU A 240 -14.23 5.84 -10.59
N ASN A 241 -13.91 6.70 -9.62
CA ASN A 241 -12.56 6.78 -9.08
C ASN A 241 -12.11 5.36 -8.68
N VAL A 242 -10.83 5.02 -8.89
CA VAL A 242 -10.37 3.65 -8.62
C VAL A 242 -10.50 3.23 -7.15
N ALA A 243 -10.29 4.16 -6.22
CA ALA A 243 -10.39 3.81 -4.80
C ALA A 243 -11.87 3.57 -4.44
N ILE A 244 -12.76 4.37 -5.03
CA ILE A 244 -14.20 4.19 -4.83
C ILE A 244 -14.62 2.82 -5.34
N ALA A 245 -14.19 2.47 -6.56
CA ALA A 245 -14.51 1.18 -7.13
C ALA A 245 -13.96 0.06 -6.26
N THR A 246 -12.74 0.24 -5.75
CA THR A 246 -12.13 -0.77 -4.89
C THR A 246 -12.96 -1.03 -3.63
N ALA A 247 -13.43 0.05 -3.01
CA ALA A 247 -14.24 -0.03 -1.80
C ALA A 247 -15.56 -0.77 -2.07
N ILE A 248 -16.20 -0.45 -3.19
CA ILE A 248 -17.45 -1.09 -3.57
C ILE A 248 -17.20 -2.60 -3.75
N LEU A 249 -16.15 -2.93 -4.50
CA LEU A 249 -15.83 -4.34 -4.79
C LEU A 249 -15.50 -5.13 -3.51
N CYS A 250 -14.57 -4.62 -2.70
CA CYS A 250 -14.24 -5.25 -1.41
C CYS A 250 -15.42 -5.42 -0.48
N SER A 251 -16.26 -4.38 -0.36
N SER A 251 -16.26 -4.39 -0.38
CA SER A 251 -17.47 -4.46 0.48
CA SER A 251 -17.42 -4.45 0.51
C SER A 251 -18.32 -5.63 0.06
C SER A 251 -18.41 -5.54 0.07
N GLU A 252 -18.61 -5.70 -1.24
CA GLU A 252 -19.48 -6.73 -1.76
C GLU A 252 -18.87 -8.14 -1.57
N TRP A 253 -17.56 -8.25 -1.78
CA TRP A 253 -16.85 -9.52 -1.56
C TRP A 253 -17.04 -9.97 -0.12
N ARG A 254 -16.88 -9.03 0.82
CA ARG A 254 -17.04 -9.29 2.28
C ARG A 254 -18.48 -9.53 2.72
N ARG A 255 -19.42 -8.76 2.16
CA ARG A 255 -20.85 -8.97 2.46
C ARG A 255 -21.24 -10.42 2.23
N ARG A 256 -20.73 -11.02 1.15
CA ARG A 256 -21.10 -12.40 0.81
C ARG A 256 -20.33 -13.49 1.56
N SER A 257 -19.42 -13.09 2.42
CA SER A 257 -18.51 -14.02 3.06
C SER A 257 -18.99 -14.59 4.38
C ACY B . -4.98 6.71 -10.69
O ACY B . -4.47 6.67 -9.59
OXT ACY B . -6.23 6.86 -10.94
CH3 ACY B . -3.97 6.56 -11.78
#